data_3CGI
#
_entry.id   3CGI
#
_cell.length_a   74.140
_cell.length_b   74.140
_cell.length_c   218.021
_cell.angle_alpha   90.00
_cell.angle_beta   90.00
_cell.angle_gamma   120.00
#
_symmetry.space_group_name_H-M   'H 3'
#
loop_
_entity.id
_entity.type
_entity.pdbx_description
1 polymer 'Propanediol utilization protein pduU'
2 water water
#
_entity_poly.entity_id   1
_entity_poly.type   'polypeptide(L)'
_entity_poly.pdbx_seq_one_letter_code
;MERQPTTDRMIQEYVPGKQVTLAHLIANPGKDLFKKLGLQDAVSAIGILTITPSEASIIACDIATKSGAVEIGFLDRFTG
AVVLTGDVSAVEYALKQVTRTLGEMMQFTTCSITRTLEHHHHHH
;
_entity_poly.pdbx_strand_id   A,B,C,D
#
# COMPACT_ATOMS: atom_id res chain seq x y z
N THR A 7 29.25 -19.94 34.00
CA THR A 7 29.16 -20.17 35.48
C THR A 7 28.41 -19.06 36.22
N ASP A 8 28.97 -17.84 36.24
CA ASP A 8 28.34 -16.69 36.92
C ASP A 8 27.01 -16.35 36.26
N ARG A 9 26.06 -15.93 37.10
CA ARG A 9 24.69 -15.82 36.71
C ARG A 9 24.07 -14.48 37.12
N MET A 10 23.21 -13.92 36.26
CA MET A 10 22.57 -12.64 36.55
C MET A 10 21.22 -12.53 35.86
N ILE A 11 20.32 -11.76 36.46
CA ILE A 11 19.03 -11.47 35.85
C ILE A 11 19.22 -10.15 35.11
N GLN A 12 18.73 -10.10 33.87
N GLN A 12 18.67 -10.08 33.90
CA GLN A 12 18.78 -8.86 33.09
CA GLN A 12 18.76 -8.90 33.07
C GLN A 12 17.36 -8.45 32.76
C GLN A 12 17.36 -8.45 32.72
N GLU A 13 16.96 -7.26 33.21
CA GLU A 13 15.66 -6.72 32.87
C GLU A 13 15.91 -5.98 31.60
N TYR A 14 15.28 -6.38 30.52
CA TYR A 14 15.53 -5.71 29.29
C TYR A 14 14.56 -4.54 29.04
N VAL A 15 15.11 -3.45 28.52
CA VAL A 15 14.35 -2.32 28.01
C VAL A 15 15.14 -1.85 26.78
N PRO A 16 14.45 -1.27 25.78
CA PRO A 16 15.17 -0.76 24.63
C PRO A 16 15.97 0.49 25.00
N GLY A 17 17.11 0.65 24.35
CA GLY A 17 17.87 1.86 24.47
C GLY A 17 17.28 2.89 23.53
N LYS A 18 17.85 4.08 23.57
CA LYS A 18 17.51 5.17 22.66
C LYS A 18 18.76 5.52 21.84
N GLN A 19 18.75 5.08 20.60
CA GLN A 19 19.94 5.20 19.74
C GLN A 19 19.65 5.13 18.26
N VAL A 20 20.30 6.02 17.51
CA VAL A 20 20.34 5.91 16.05
C VAL A 20 21.72 5.30 15.79
N THR A 21 21.73 4.04 15.37
CA THR A 21 22.99 3.28 15.20
C THR A 21 23.60 3.49 13.83
N LEU A 22 22.73 3.58 12.81
CA LEU A 22 23.13 3.82 11.42
C LEU A 22 22.35 5.00 10.81
N ALA A 23 23.04 5.84 10.04
CA ALA A 23 22.44 6.96 9.28
C ALA A 23 23.31 7.08 8.03
N HIS A 24 22.96 6.35 6.97
CA HIS A 24 23.90 6.13 5.90
C HIS A 24 23.33 6.45 4.56
N LEU A 25 24.14 7.12 3.74
CA LEU A 25 23.71 7.56 2.45
C LEU A 25 24.33 6.73 1.33
N ILE A 26 23.51 6.28 0.38
CA ILE A 26 23.99 5.63 -0.82
C ILE A 26 23.44 6.47 -1.98
N ALA A 27 24.35 7.15 -2.66
CA ALA A 27 23.96 8.08 -3.74
C ALA A 27 23.40 7.36 -4.96
N ASN A 28 24.02 6.24 -5.33
CA ASN A 28 23.64 5.52 -6.52
C ASN A 28 23.52 4.02 -6.24
N PRO A 29 22.43 3.60 -5.56
CA PRO A 29 22.31 2.17 -5.32
C PRO A 29 21.91 1.42 -6.59
N GLY A 30 22.29 0.14 -6.68
CA GLY A 30 21.92 -0.64 -7.87
C GLY A 30 20.43 -0.83 -7.96
N LYS A 31 19.94 -1.04 -9.17
CA LYS A 31 18.52 -1.29 -9.41
C LYS A 31 18.07 -2.58 -8.73
N ASP A 32 18.94 -3.60 -8.74
CA ASP A 32 18.62 -4.86 -8.10
C ASP A 32 18.46 -4.68 -6.58
N LEU A 33 19.36 -3.92 -5.96
CA LEU A 33 19.26 -3.66 -4.52
C LEU A 33 17.97 -2.88 -4.22
N PHE A 34 17.73 -1.87 -5.02
CA PHE A 34 16.56 -1.00 -4.87
C PHE A 34 15.27 -1.83 -4.95
N LYS A 35 15.19 -2.74 -5.93
CA LYS A 35 14.01 -3.57 -6.09
C LYS A 35 13.87 -4.64 -5.01
N LYS A 36 14.99 -5.28 -4.65
CA LYS A 36 15.00 -6.25 -3.55
C LYS A 36 14.53 -5.64 -2.21
N LEU A 37 14.69 -4.33 -2.03
CA LEU A 37 14.20 -3.64 -0.85
C LEU A 37 12.69 -3.34 -0.97
N GLY A 38 12.12 -3.68 -2.11
CA GLY A 38 10.71 -3.47 -2.40
C GLY A 38 10.37 -2.02 -2.67
N LEU A 39 11.36 -1.24 -3.10
CA LEU A 39 11.17 0.18 -3.39
C LEU A 39 10.59 0.37 -4.78
N GLN A 40 9.71 1.36 -4.89
CA GLN A 40 9.06 1.67 -6.15
C GLN A 40 9.60 3.01 -6.63
N ASP A 41 9.14 3.46 -7.78
CA ASP A 41 9.64 4.69 -8.45
C ASP A 41 11.00 4.45 -9.12
N ALA A 42 11.47 5.46 -9.83
CA ALA A 42 12.78 5.42 -10.45
C ALA A 42 13.82 5.26 -9.36
N VAL A 43 14.92 4.58 -9.67
CA VAL A 43 15.99 4.43 -8.68
C VAL A 43 16.47 5.81 -8.29
N SER A 44 16.82 5.98 -7.02
CA SER A 44 17.30 7.28 -6.51
C SER A 44 18.28 7.02 -5.40
N ALA A 45 18.87 8.08 -4.85
CA ALA A 45 19.70 7.92 -3.69
C ALA A 45 18.80 7.46 -2.53
N ILE A 46 19.38 6.71 -1.60
CA ILE A 46 18.69 6.26 -0.40
C ILE A 46 19.42 6.64 0.88
N GLY A 47 18.62 6.85 1.93
CA GLY A 47 19.13 7.12 3.26
C GLY A 47 18.64 5.95 4.13
N ILE A 48 19.51 5.39 4.95
CA ILE A 48 19.21 4.17 5.71
C ILE A 48 19.44 4.46 7.14
N LEU A 49 18.42 4.24 7.96
CA LEU A 49 18.45 4.48 9.38
C LEU A 49 18.21 3.19 10.18
N THR A 50 18.96 3.01 11.27
CA THR A 50 18.75 1.97 12.25
C THR A 50 18.44 2.71 13.54
N ILE A 51 17.26 2.45 14.10
CA ILE A 51 16.75 3.18 15.24
C ILE A 51 16.16 2.25 16.31
N THR A 52 16.56 2.49 17.55
CA THR A 52 15.97 1.86 18.72
C THR A 52 15.50 2.97 19.67
N PRO A 53 14.30 2.83 20.26
CA PRO A 53 13.36 1.74 20.07
C PRO A 53 12.72 1.83 18.71
N SER A 54 12.15 0.72 18.29
CA SER A 54 11.63 0.61 16.92
C SER A 54 10.59 1.67 16.54
N GLU A 55 9.76 2.07 17.50
CA GLU A 55 8.70 3.07 17.26
C GLU A 55 9.23 4.46 16.89
N ALA A 56 10.44 4.81 17.33
CA ALA A 56 11.08 6.08 16.93
C ALA A 56 11.31 6.22 15.43
N SER A 57 11.18 5.13 14.67
CA SER A 57 11.19 5.19 13.21
C SER A 57 10.07 6.12 12.70
N ILE A 58 8.96 6.18 13.43
CA ILE A 58 7.81 7.01 13.05
C ILE A 58 8.15 8.49 13.10
N ILE A 59 8.92 8.85 14.13
CA ILE A 59 9.36 10.18 14.39
C ILE A 59 10.44 10.59 13.39
N ALA A 60 11.34 9.66 13.07
CA ALA A 60 12.38 9.91 12.12
C ALA A 60 11.77 10.15 10.75
N CYS A 61 10.72 9.44 10.45
CA CYS A 61 10.03 9.64 9.16
C CYS A 61 9.44 11.03 9.08
N ASP A 62 8.76 11.44 10.13
CA ASP A 62 8.15 12.75 10.20
C ASP A 62 9.21 13.86 10.07
N ILE A 63 10.26 13.80 10.87
CA ILE A 63 11.33 14.76 10.73
C ILE A 63 11.90 14.80 9.28
N ALA A 64 12.12 13.63 8.71
CA ALA A 64 12.77 13.55 7.42
C ALA A 64 11.92 14.16 6.34
N THR A 65 10.65 13.74 6.27
CA THR A 65 9.74 14.25 5.24
C THR A 65 9.43 15.74 5.42
N LYS A 66 9.52 16.24 6.65
CA LYS A 66 9.31 17.66 6.89
C LYS A 66 10.53 18.50 6.54
N SER A 67 11.69 17.84 6.41
CA SER A 67 12.94 18.57 6.16
C SER A 67 13.11 19.03 4.72
N GLY A 68 12.36 18.44 3.79
CA GLY A 68 12.50 18.77 2.38
C GLY A 68 11.84 17.70 1.52
N ALA A 69 12.29 17.58 0.27
CA ALA A 69 11.67 16.69 -0.71
C ALA A 69 12.26 15.27 -0.62
N VAL A 70 11.96 14.63 0.50
CA VAL A 70 12.39 13.28 0.79
C VAL A 70 11.12 12.49 1.05
N GLU A 71 11.05 11.27 0.52
CA GLU A 71 9.90 10.40 0.72
CA GLU A 71 9.90 10.40 0.72
C GLU A 71 10.31 9.20 1.56
N ILE A 72 9.31 8.57 2.19
CA ILE A 72 9.54 7.36 2.97
C ILE A 72 9.55 6.23 1.94
N GLY A 73 10.71 5.57 1.77
CA GLY A 73 10.84 4.39 0.91
C GLY A 73 10.13 3.28 1.66
N PHE A 74 10.56 3.03 2.88
CA PHE A 74 9.73 2.22 3.79
C PHE A 74 9.99 2.56 5.23
N LEU A 75 8.99 2.28 6.06
CA LEU A 75 9.06 2.42 7.48
C LEU A 75 8.86 1.03 8.08
N ASP A 76 9.74 0.60 8.97
CA ASP A 76 9.53 -0.66 9.68
C ASP A 76 9.46 -0.40 11.18
N ARG A 77 8.25 -0.23 11.69
CA ARG A 77 8.06 0.05 13.13
C ARG A 77 8.37 -1.14 14.05
N PHE A 78 8.60 -2.32 13.46
CA PHE A 78 8.92 -3.52 14.23
C PHE A 78 10.42 -3.63 14.51
N THR A 79 11.24 -3.27 13.52
CA THR A 79 12.69 -3.32 13.69
C THR A 79 13.36 -1.95 13.87
N GLY A 80 12.64 -0.86 13.54
CA GLY A 80 13.19 0.50 13.63
C GLY A 80 13.85 0.96 12.35
N ALA A 81 13.79 0.14 11.29
CA ALA A 81 14.44 0.53 10.04
C ALA A 81 13.60 1.54 9.28
N VAL A 82 14.29 2.51 8.68
CA VAL A 82 13.69 3.47 7.77
C VAL A 82 14.61 3.62 6.55
N VAL A 83 14.06 3.51 5.34
CA VAL A 83 14.76 3.88 4.11
C VAL A 83 14.05 5.11 3.51
N LEU A 84 14.84 6.16 3.35
CA LEU A 84 14.41 7.43 2.75
C LEU A 84 14.85 7.50 1.28
N THR A 85 14.07 8.21 0.46
CA THR A 85 14.44 8.40 -0.93
C THR A 85 14.35 9.86 -1.33
N GLY A 86 15.14 10.23 -2.33
CA GLY A 86 15.10 11.58 -2.89
C GLY A 86 16.43 11.95 -3.49
N ASP A 87 16.56 13.22 -3.83
CA ASP A 87 17.83 13.77 -4.22
C ASP A 87 18.85 13.52 -3.12
N VAL A 88 20.04 13.12 -3.53
CA VAL A 88 21.09 12.74 -2.60
C VAL A 88 21.41 13.79 -1.55
N SER A 89 21.45 15.08 -1.93
CA SER A 89 21.75 16.12 -0.93
C SER A 89 20.56 16.35 0.00
N ALA A 90 19.34 16.21 -0.51
CA ALA A 90 18.14 16.32 0.32
C ALA A 90 18.07 15.17 1.35
N VAL A 91 18.39 13.94 0.92
CA VAL A 91 18.37 12.77 1.78
C VAL A 91 19.44 13.00 2.85
N GLU A 92 20.61 13.48 2.45
CA GLU A 92 21.67 13.78 3.42
C GLU A 92 21.20 14.78 4.49
N TYR A 93 20.55 15.86 4.03
CA TYR A 93 19.98 16.86 4.93
C TYR A 93 18.98 16.21 5.86
N ALA A 94 18.03 15.44 5.33
CA ALA A 94 17.10 14.65 6.18
C ALA A 94 17.79 13.81 7.25
N LEU A 95 18.79 13.03 6.85
CA LEU A 95 19.46 12.15 7.80
C LEU A 95 20.06 12.98 8.93
N LYS A 96 20.58 14.13 8.56
CA LYS A 96 21.18 15.05 9.54
C LYS A 96 20.17 15.66 10.51
N GLN A 97 18.98 15.95 9.99
CA GLN A 97 17.89 16.50 10.78
C GLN A 97 17.35 15.45 11.78
N VAL A 98 17.28 14.19 11.32
CA VAL A 98 16.81 13.07 12.14
C VAL A 98 17.78 12.92 13.31
N THR A 99 19.06 12.77 13.02
CA THR A 99 20.05 12.63 14.10
C THR A 99 20.13 13.85 15.00
N ARG A 100 19.98 15.04 14.41
CA ARG A 100 20.03 16.29 15.17
C ARG A 100 18.90 16.32 16.19
N THR A 101 17.69 16.04 15.69
CA THR A 101 16.51 16.12 16.50
C THR A 101 16.45 15.02 17.58
N LEU A 102 16.70 13.77 17.21
CA LEU A 102 16.64 12.68 18.18
C LEU A 102 17.70 12.85 19.24
N GLY A 103 18.91 13.17 18.83
CA GLY A 103 20.02 13.30 19.74
C GLY A 103 19.88 14.49 20.65
N GLU A 104 19.73 15.66 20.06
CA GLU A 104 19.81 16.91 20.81
C GLU A 104 18.55 17.17 21.62
N MET A 105 17.38 16.86 21.05
CA MET A 105 16.10 17.13 21.71
C MET A 105 15.46 15.92 22.43
N MET A 106 15.84 14.68 22.07
CA MET A 106 15.27 13.49 22.72
C MET A 106 16.30 12.58 23.39
N GLN A 107 17.53 13.05 23.47
CA GLN A 107 18.62 12.36 24.17
CA GLN A 107 18.62 12.37 24.15
C GLN A 107 18.91 10.94 23.65
N PHE A 108 18.80 10.74 22.35
CA PHE A 108 19.25 9.48 21.78
C PHE A 108 20.77 9.57 21.60
N THR A 109 21.45 8.43 21.70
CA THR A 109 22.83 8.31 21.23
C THR A 109 22.71 8.33 19.71
N THR A 110 23.54 9.10 19.02
CA THR A 110 23.48 9.13 17.56
C THR A 110 24.86 8.89 16.96
N CYS A 111 24.85 8.27 15.80
CA CYS A 111 26.05 8.05 15.01
C CYS A 111 26.25 9.24 14.07
N SER A 112 27.43 9.32 13.45
CA SER A 112 27.65 10.33 12.39
C SER A 112 26.99 9.83 11.12
N ILE A 113 26.75 10.74 10.18
CA ILE A 113 26.21 10.40 8.87
C ILE A 113 27.38 9.81 8.10
N THR A 114 27.15 8.65 7.47
CA THR A 114 28.18 7.97 6.69
C THR A 114 27.65 7.87 5.29
N ARG A 115 28.56 7.72 4.31
CA ARG A 115 28.16 7.75 2.91
C ARG A 115 28.87 6.75 2.01
N THR A 116 28.16 6.37 0.95
CA THR A 116 28.71 5.63 -0.17
C THR A 116 28.36 6.45 -1.44
N LEU A 117 29.31 7.24 -1.95
CA LEU A 117 29.05 8.12 -3.10
C LEU A 117 29.43 7.55 -4.49
N GLU A 118 30.41 6.65 -4.53
CA GLU A 118 30.85 6.03 -5.78
C GLU A 118 29.85 4.97 -6.25
N THR B 7 37.69 -13.88 26.49
CA THR B 7 36.37 -13.18 26.58
C THR B 7 35.58 -13.71 27.78
N ASP B 8 35.23 -12.82 28.71
CA ASP B 8 34.43 -13.18 29.88
C ASP B 8 33.03 -13.68 29.50
N ARG B 9 32.48 -14.54 30.36
CA ARG B 9 31.25 -15.24 30.06
C ARG B 9 30.28 -15.22 31.26
N MET B 10 28.99 -15.03 30.98
CA MET B 10 28.00 -14.96 32.04
C MET B 10 26.67 -15.48 31.56
N ILE B 11 25.92 -16.10 32.46
CA ILE B 11 24.57 -16.50 32.13
C ILE B 11 23.67 -15.32 32.48
N GLN B 12 22.77 -14.96 31.56
CA GLN B 12 21.86 -13.87 31.83
CA GLN B 12 21.84 -13.85 31.79
C GLN B 12 20.44 -14.38 31.70
N GLU B 13 19.69 -14.34 32.81
CA GLU B 13 18.30 -14.77 32.79
C GLU B 13 17.53 -13.54 32.39
N TYR B 14 16.78 -13.62 31.30
CA TYR B 14 16.08 -12.46 30.82
C TYR B 14 14.67 -12.36 31.38
N VAL B 15 14.29 -11.13 31.74
CA VAL B 15 12.93 -10.78 32.09
C VAL B 15 12.70 -9.38 31.55
N PRO B 16 11.46 -9.07 31.19
CA PRO B 16 11.20 -7.70 30.77
C PRO B 16 11.29 -6.71 31.93
N GLY B 17 11.81 -5.53 31.62
CA GLY B 17 11.77 -4.39 32.50
C GLY B 17 10.40 -3.74 32.46
N LYS B 18 10.25 -2.71 33.27
CA LYS B 18 9.04 -1.91 33.31
C LYS B 18 9.41 -0.49 32.97
N GLN B 19 9.08 -0.09 31.77
CA GLN B 19 9.52 1.23 31.28
C GLN B 19 8.71 1.78 30.16
N VAL B 20 8.41 3.08 30.24
CA VAL B 20 7.89 3.80 29.07
C VAL B 20 9.08 4.52 28.47
N THR B 21 9.55 4.05 27.32
CA THR B 21 10.78 4.61 26.71
C THR B 21 10.52 5.83 25.80
N LEU B 22 9.37 5.86 25.13
CA LEU B 22 8.98 6.95 24.24
C LEU B 22 7.54 7.39 24.57
N ALA B 23 7.28 8.69 24.59
CA ALA B 23 5.92 9.24 24.78
C ALA B 23 5.93 10.53 23.97
N HIS B 24 5.58 10.42 22.70
CA HIS B 24 5.89 11.48 21.76
C HIS B 24 4.73 11.99 20.98
N LEU B 25 4.62 13.31 20.92
CA LEU B 25 3.50 13.92 20.25
C LEU B 25 3.91 14.46 18.90
N ILE B 26 3.16 14.11 17.84
CA ILE B 26 3.32 14.72 16.52
C ILE B 26 1.99 15.38 16.21
N ALA B 27 1.99 16.72 16.18
CA ALA B 27 0.76 17.48 15.99
C ALA B 27 0.22 17.33 14.58
N ASN B 28 1.10 17.33 13.59
CA ASN B 28 0.70 17.33 12.19
C ASN B 28 1.52 16.33 11.36
N PRO B 29 1.25 15.02 11.51
CA PRO B 29 1.97 14.04 10.72
C PRO B 29 1.48 14.08 9.28
N GLY B 30 2.35 13.74 8.33
CA GLY B 30 1.99 13.76 6.92
C GLY B 30 1.02 12.65 6.63
N LYS B 31 0.27 12.79 5.53
CA LYS B 31 -0.69 11.80 5.10
C LYS B 31 -0.04 10.48 4.74
N ASP B 32 1.13 10.52 4.10
CA ASP B 32 1.80 9.26 3.73
C ASP B 32 2.18 8.42 4.96
N LEU B 33 2.74 9.07 5.97
CA LEU B 33 3.12 8.41 7.21
C LEU B 33 1.89 7.84 7.90
N PHE B 34 0.88 8.69 8.03
CA PHE B 34 -0.35 8.33 8.68
C PHE B 34 -0.90 7.08 7.98
N LYS B 35 -0.80 7.05 6.66
CA LYS B 35 -1.27 5.89 5.87
C LYS B 35 -0.33 4.66 5.93
N LYS B 36 0.98 4.91 5.95
CA LYS B 36 1.95 3.82 6.09
C LYS B 36 1.84 3.13 7.45
N LEU B 37 1.26 3.81 8.42
CA LEU B 37 1.03 3.22 9.74
C LEU B 37 -0.27 2.43 9.79
N GLY B 38 -1.05 2.47 8.70
CA GLY B 38 -2.31 1.72 8.62
C GLY B 38 -3.44 2.43 9.35
N LEU B 39 -3.25 3.70 9.67
CA LEU B 39 -4.25 4.51 10.38
C LEU B 39 -5.33 4.95 9.43
N GLN B 40 -6.56 4.90 9.92
CA GLN B 40 -7.72 5.28 9.17
C GLN B 40 -8.28 6.60 9.72
N ASP B 41 -9.33 7.10 9.07
CA ASP B 41 -9.91 8.42 9.39
CA ASP B 41 -9.94 8.40 9.35
C ASP B 41 -9.02 9.55 8.89
N ALA B 42 -9.49 10.79 9.04
CA ALA B 42 -8.74 11.95 8.65
C ALA B 42 -7.47 12.02 9.48
N VAL B 43 -6.40 12.54 8.89
CA VAL B 43 -5.13 12.74 9.59
C VAL B 43 -5.44 13.56 10.82
N SER B 44 -4.76 13.25 11.92
CA SER B 44 -4.93 13.96 13.16
C SER B 44 -3.58 13.95 13.82
N ALA B 45 -3.49 14.66 14.93
CA ALA B 45 -2.32 14.53 15.78
C ALA B 45 -2.24 13.07 16.26
N ILE B 46 -1.03 12.59 16.50
CA ILE B 46 -0.80 11.26 16.99
C ILE B 46 0.14 11.30 18.20
N GLY B 47 -0.05 10.33 19.09
CA GLY B 47 0.75 10.14 20.28
C GLY B 47 1.36 8.75 20.11
N ILE B 48 2.67 8.63 20.36
CA ILE B 48 3.43 7.42 20.11
C ILE B 48 4.07 6.97 21.39
N LEU B 49 3.74 5.75 21.81
CA LEU B 49 4.30 5.14 23.01
C LEU B 49 5.11 3.88 22.73
N THR B 50 6.23 3.74 23.46
CA THR B 50 7.05 2.55 23.50
C THR B 50 7.03 2.07 24.94
N ILE B 51 6.53 0.85 25.15
CA ILE B 51 6.29 0.32 26.49
C ILE B 51 6.81 -1.12 26.65
N THR B 52 7.53 -1.34 27.75
CA THR B 52 7.95 -2.66 28.16
C THR B 52 7.39 -2.88 29.57
N PRO B 53 6.81 -4.05 29.84
CA PRO B 53 6.64 -5.16 28.96
C PRO B 53 5.56 -4.86 27.94
N SER B 54 5.60 -5.58 26.85
CA SER B 54 4.67 -5.27 25.76
C SER B 54 3.20 -5.27 26.14
N GLU B 55 2.82 -6.14 27.07
CA GLU B 55 1.43 -6.22 27.49
C GLU B 55 0.91 -4.97 28.18
N ALA B 56 1.80 -4.20 28.79
CA ALA B 56 1.44 -2.91 29.40
C ALA B 56 0.88 -1.89 28.39
N SER B 57 1.08 -2.11 27.09
CA SER B 57 0.38 -1.35 26.07
C SER B 57 -1.14 -1.36 26.29
N ILE B 58 -1.67 -2.44 26.85
CA ILE B 58 -3.13 -2.57 27.11
C ILE B 58 -3.58 -1.58 28.17
N ILE B 59 -2.73 -1.39 29.18
CA ILE B 59 -3.01 -0.52 30.28
C ILE B 59 -2.89 0.93 29.83
N ALA B 60 -1.84 1.22 29.07
CA ALA B 60 -1.61 2.55 28.52
C ALA B 60 -2.78 2.97 27.67
N CYS B 61 -3.33 2.03 26.90
CA CYS B 61 -4.49 2.33 26.08
C CYS B 61 -5.69 2.71 26.94
N ASP B 62 -5.90 1.93 27.99
CA ASP B 62 -7.02 2.19 28.89
C ASP B 62 -6.89 3.57 29.57
N ILE B 63 -5.72 3.86 30.14
CA ILE B 63 -5.48 5.17 30.74
C ILE B 63 -5.70 6.31 29.75
N ALA B 64 -5.25 6.12 28.50
CA ALA B 64 -5.37 7.15 27.48
C ALA B 64 -6.82 7.46 27.08
N THR B 65 -7.58 6.41 26.75
CA THR B 65 -8.96 6.59 26.28
C THR B 65 -9.89 7.08 27.41
N LYS B 66 -9.54 6.74 28.64
CA LYS B 66 -10.31 7.22 29.79
C LYS B 66 -9.95 8.67 30.14
N SER B 67 -8.80 9.16 29.69
CA SER B 67 -8.34 10.51 30.06
C SER B 67 -9.05 11.64 29.32
N GLY B 68 -9.72 11.31 28.21
CA GLY B 68 -10.39 12.30 27.41
C GLY B 68 -10.75 11.75 26.04
N ALA B 69 -10.87 12.64 25.06
CA ALA B 69 -11.31 12.29 23.69
C ALA B 69 -10.11 11.86 22.81
N VAL B 70 -9.54 10.74 23.17
CA VAL B 70 -8.41 10.15 22.47
C VAL B 70 -8.79 8.73 22.08
N GLU B 71 -8.41 8.32 20.86
CA GLU B 71 -8.74 7.01 20.30
C GLU B 71 -7.50 6.16 20.17
N ILE B 72 -7.66 4.83 20.15
CA ILE B 72 -6.54 3.94 19.85
C ILE B 72 -6.42 3.87 18.32
N GLY B 73 -5.33 4.40 17.76
CA GLY B 73 -5.02 4.26 16.32
C GLY B 73 -4.65 2.81 16.12
N PHE B 74 -3.66 2.38 16.89
CA PHE B 74 -3.38 0.95 17.04
C PHE B 74 -2.66 0.61 18.33
N LEU B 75 -2.82 -0.66 18.70
CA LEU B 75 -2.17 -1.25 19.84
C LEU B 75 -1.34 -2.43 19.34
N ASP B 76 -0.11 -2.58 19.79
CA ASP B 76 0.68 -3.76 19.47
C ASP B 76 1.19 -4.37 20.77
N ARG B 77 0.49 -5.41 21.24
CA ARG B 77 0.85 -6.12 22.48
C ARG B 77 2.11 -7.00 22.31
N PHE B 78 2.56 -7.18 21.08
CA PHE B 78 3.77 -7.95 20.81
C PHE B 78 5.02 -7.10 20.94
N THR B 79 4.94 -5.86 20.47
CA THR B 79 6.05 -4.95 20.58
C THR B 79 5.87 -3.93 21.69
N GLY B 80 4.63 -3.68 22.13
CA GLY B 80 4.37 -2.70 23.21
C GLY B 80 4.09 -1.32 22.66
N ALA B 81 4.02 -1.22 21.33
CA ALA B 81 3.70 0.08 20.71
C ALA B 81 2.24 0.45 20.88
N VAL B 82 2.01 1.73 21.17
CA VAL B 82 0.69 2.32 21.08
C VAL B 82 0.79 3.63 20.28
N VAL B 83 -0.11 3.77 19.30
CA VAL B 83 -0.34 5.04 18.64
C VAL B 83 -1.77 5.52 18.99
N LEU B 84 -1.81 6.71 19.56
CA LEU B 84 -3.05 7.36 19.94
C LEU B 84 -3.42 8.43 18.90
N THR B 85 -4.70 8.73 18.78
CA THR B 85 -5.17 9.77 17.88
C THR B 85 -6.19 10.67 18.57
N GLY B 86 -6.24 11.92 18.13
CA GLY B 86 -7.21 12.86 18.65
C GLY B 86 -6.68 14.29 18.54
N ASP B 87 -7.37 15.21 19.18
CA ASP B 87 -6.91 16.58 19.31
C ASP B 87 -5.54 16.58 19.89
N VAL B 88 -4.64 17.38 19.32
CA VAL B 88 -3.27 17.46 19.78
C VAL B 88 -3.13 17.69 21.29
N SER B 89 -3.98 18.54 21.86
CA SER B 89 -3.89 18.83 23.28
C SER B 89 -4.42 17.66 24.12
N ALA B 90 -5.45 17.00 23.60
CA ALA B 90 -6.01 15.83 24.27
C ALA B 90 -5.01 14.66 24.25
N VAL B 91 -4.35 14.42 23.10
CA VAL B 91 -3.33 13.36 23.01
C VAL B 91 -2.19 13.70 23.98
N GLU B 92 -1.80 14.96 24.04
CA GLU B 92 -0.75 15.34 24.97
C GLU B 92 -1.10 15.01 26.42
N TYR B 93 -2.32 15.37 26.83
CA TYR B 93 -2.82 15.07 28.18
C TYR B 93 -2.83 13.57 28.42
N ALA B 94 -3.37 12.79 27.49
CA ALA B 94 -3.29 11.31 27.54
C ALA B 94 -1.88 10.77 27.75
N LEU B 95 -0.88 11.28 27.04
CA LEU B 95 0.51 10.79 27.16
C LEU B 95 1.01 11.07 28.56
N LYS B 96 0.70 12.25 29.07
CA LYS B 96 1.11 12.65 30.43
C LYS B 96 0.45 11.76 31.49
N GLN B 97 -0.79 11.36 31.23
CA GLN B 97 -1.53 10.51 32.17
C GLN B 97 -1.00 9.07 32.15
N VAL B 98 -0.63 8.60 30.97
CA VAL B 98 -0.01 7.28 30.83
C VAL B 98 1.29 7.27 31.63
N THR B 99 2.15 8.24 31.40
CA THR B 99 3.44 8.29 32.10
C THR B 99 3.31 8.58 33.62
N ARG B 100 2.38 9.46 33.99
CA ARG B 100 2.15 9.76 35.41
C ARG B 100 1.67 8.50 36.15
N THR B 101 0.70 7.82 35.56
CA THR B 101 0.08 6.63 36.15
C THR B 101 1.01 5.40 36.21
N LEU B 102 1.65 5.06 35.10
CA LEU B 102 2.56 3.90 35.10
C LEU B 102 3.75 4.18 36.02
N GLY B 103 4.22 5.41 36.03
CA GLY B 103 5.42 5.77 36.79
C GLY B 103 5.21 5.89 38.28
N GLU B 104 4.17 6.60 38.66
CA GLU B 104 3.91 6.86 40.07
C GLU B 104 3.17 5.71 40.75
N MET B 105 2.23 5.09 40.05
CA MET B 105 1.41 4.04 40.62
C MET B 105 1.92 2.61 40.38
N MET B 106 2.77 2.41 39.38
CA MET B 106 3.23 1.06 39.04
C MET B 106 4.74 0.91 38.93
N GLN B 107 5.47 1.92 39.38
CA GLN B 107 6.92 1.81 39.43
C GLN B 107 7.58 1.54 38.08
N PHE B 108 7.03 2.08 37.01
CA PHE B 108 7.72 2.04 35.73
C PHE B 108 8.68 3.21 35.72
N THR B 109 9.80 3.01 35.06
CA THR B 109 10.66 4.11 34.62
C THR B 109 9.92 4.79 33.47
N THR B 110 9.86 6.12 33.48
CA THR B 110 9.16 6.88 32.45
C THR B 110 10.07 7.93 31.83
N CYS B 111 9.82 8.20 30.57
CA CYS B 111 10.51 9.24 29.85
C CYS B 111 9.70 10.54 29.97
N SER B 112 10.28 11.66 29.54
CA SER B 112 9.57 12.91 29.49
C SER B 112 8.74 12.89 28.21
N ILE B 113 7.71 13.71 28.15
CA ILE B 113 6.90 13.80 26.96
C ILE B 113 7.67 14.67 25.97
N THR B 114 7.73 14.21 24.71
CA THR B 114 8.45 14.93 23.69
C THR B 114 7.47 15.24 22.59
N ARG B 115 7.79 16.29 21.82
CA ARG B 115 6.86 16.78 20.82
C ARG B 115 7.53 17.20 19.52
N THR B 116 6.78 16.98 18.43
CA THR B 116 7.05 17.54 17.11
C THR B 116 5.83 18.42 16.79
N LEU B 117 5.98 19.73 16.91
CA LEU B 117 4.86 20.65 16.65
C LEU B 117 4.89 21.26 15.24
N GLU B 118 6.07 21.34 14.63
CA GLU B 118 6.21 21.89 13.28
C GLU B 118 5.82 20.86 12.22
N GLN C 4 -34.26 -40.18 -10.14
CA GLN C 4 -33.56 -39.63 -11.33
C GLN C 4 -32.35 -38.80 -10.92
N PRO C 5 -31.15 -39.42 -10.88
CA PRO C 5 -29.98 -38.52 -10.89
C PRO C 5 -29.89 -37.88 -12.29
N THR C 6 -29.30 -36.70 -12.39
CA THR C 6 -29.22 -35.98 -13.68
C THR C 6 -28.44 -36.74 -14.74
N THR C 7 -28.97 -36.71 -15.97
CA THR C 7 -28.41 -37.45 -17.11
C THR C 7 -27.79 -36.51 -18.17
N ASP C 8 -28.48 -35.41 -18.47
CA ASP C 8 -28.01 -34.43 -19.45
C ASP C 8 -26.68 -33.83 -18.99
N ARG C 9 -25.74 -33.77 -19.92
CA ARG C 9 -24.35 -33.49 -19.62
C ARG C 9 -23.71 -32.72 -20.77
N MET C 10 -22.86 -31.73 -20.46
CA MET C 10 -22.11 -31.00 -21.49
C MET C 10 -20.75 -30.58 -20.95
N ILE C 11 -19.78 -30.45 -21.84
CA ILE C 11 -18.48 -29.89 -21.48
C ILE C 11 -18.57 -28.36 -21.65
N GLN C 12 -18.14 -27.60 -20.64
CA GLN C 12 -18.18 -26.16 -20.82
CA GLN C 12 -18.20 -26.12 -20.71
C GLN C 12 -16.79 -25.59 -20.73
N GLU C 13 -16.38 -24.93 -21.82
CA GLU C 13 -15.08 -24.30 -21.88
C GLU C 13 -15.29 -22.89 -21.31
N TYR C 14 -14.66 -22.65 -20.16
CA TYR C 14 -14.84 -21.37 -19.49
C TYR C 14 -13.83 -20.33 -19.97
N VAL C 15 -14.36 -19.12 -20.15
CA VAL C 15 -13.60 -17.93 -20.49
C VAL C 15 -14.37 -16.80 -19.83
N PRO C 16 -13.66 -15.74 -19.38
CA PRO C 16 -14.36 -14.61 -18.77
C PRO C 16 -15.15 -13.82 -19.81
N GLY C 17 -16.33 -13.34 -19.42
CA GLY C 17 -17.10 -12.41 -20.23
C GLY C 17 -16.49 -11.03 -20.07
N LYS C 18 -17.02 -10.07 -20.80
CA LYS C 18 -16.64 -8.67 -20.64
C LYS C 18 -17.87 -7.88 -20.15
N GLN C 19 -17.85 -7.50 -18.89
CA GLN C 19 -19.03 -6.88 -18.26
C GLN C 19 -18.74 -6.00 -17.06
N VAL C 20 -19.39 -4.84 -17.04
CA VAL C 20 -19.46 -4.02 -15.84
C VAL C 20 -20.84 -4.32 -15.26
N THR C 21 -20.85 -5.04 -14.14
CA THR C 21 -22.11 -5.51 -13.57
C THR C 21 -22.69 -4.51 -12.60
N LEU C 22 -21.80 -3.79 -11.91
CA LEU C 22 -22.18 -2.82 -10.90
C LEU C 22 -21.40 -1.52 -11.13
N ALA C 23 -22.09 -0.40 -11.03
CA ALA C 23 -21.50 0.93 -11.13
C ALA C 23 -22.28 1.84 -10.16
N HIS C 24 -21.88 1.84 -8.90
CA HIS C 24 -22.71 2.41 -7.83
C HIS C 24 -22.07 3.51 -7.00
N LEU C 25 -22.78 4.63 -6.89
CA LEU C 25 -22.34 5.75 -6.05
C LEU C 25 -23.01 5.71 -4.67
N ILE C 26 -22.20 5.85 -3.63
CA ILE C 26 -22.69 6.05 -2.27
C ILE C 26 -22.11 7.38 -1.81
N ALA C 27 -22.97 8.39 -1.72
CA ALA C 27 -22.53 9.77 -1.43
C ALA C 27 -22.01 9.94 0.01
N ASN C 28 -22.56 9.18 0.94
CA ASN C 28 -22.19 9.29 2.36
C ASN C 28 -22.24 7.94 3.07
N PRO C 29 -21.22 7.09 2.85
CA PRO C 29 -21.17 5.82 3.55
C PRO C 29 -20.88 5.93 5.04
N GLY C 30 -21.35 4.96 5.81
CA GLY C 30 -21.07 4.98 7.26
C GLY C 30 -19.60 4.84 7.54
N LYS C 31 -19.14 5.39 8.65
CA LYS C 31 -17.73 5.32 9.00
C LYS C 31 -17.21 3.89 9.12
N ASP C 32 -18.03 2.98 9.68
CA ASP C 32 -17.59 1.60 9.90
C ASP C 32 -17.41 0.84 8.60
N LEU C 33 -18.34 1.01 7.64
CA LEU C 33 -18.19 0.40 6.34
C LEU C 33 -16.95 0.93 5.62
N PHE C 34 -16.76 2.23 5.67
CA PHE C 34 -15.62 2.88 5.05
C PHE C 34 -14.33 2.26 5.58
N LYS C 35 -14.25 2.10 6.91
CA LYS C 35 -13.09 1.47 7.51
C LYS C 35 -13.02 -0.02 7.22
N LYS C 36 -14.16 -0.70 7.28
CA LYS C 36 -14.16 -2.14 6.97
C LYS C 36 -13.68 -2.44 5.53
N LEU C 37 -13.80 -1.45 4.64
CA LEU C 37 -13.29 -1.54 3.27
C LEU C 37 -11.78 -1.28 3.18
N GLY C 38 -11.17 -0.91 4.31
CA GLY C 38 -9.74 -0.63 4.36
C GLY C 38 -9.40 0.73 3.81
N LEU C 39 -10.40 1.61 3.65
CA LEU C 39 -10.15 2.95 3.13
C LEU C 39 -9.51 3.87 4.16
N GLN C 40 -8.65 4.75 3.68
CA GLN C 40 -8.00 5.71 4.54
C GLN C 40 -8.55 7.13 4.30
N ASP C 41 -8.09 8.11 5.06
CA ASP C 41 -8.65 9.47 5.02
C ASP C 41 -10.09 9.54 5.60
N ALA C 42 -10.63 10.75 5.68
CA ALA C 42 -11.97 10.94 6.18
C ALA C 42 -12.95 10.33 5.19
N VAL C 43 -14.15 10.00 5.69
CA VAL C 43 -15.17 9.39 4.85
C VAL C 43 -15.46 10.30 3.66
N SER C 44 -15.75 9.69 2.52
CA SER C 44 -16.11 10.46 1.34
C SER C 44 -17.08 9.66 0.53
N ALA C 45 -17.62 10.28 -0.52
CA ALA C 45 -18.43 9.55 -1.47
C ALA C 45 -17.52 8.46 -2.01
N ILE C 46 -18.11 7.33 -2.37
CA ILE C 46 -17.39 6.20 -2.95
C ILE C 46 -18.14 5.69 -4.18
N GLY C 47 -17.40 5.17 -5.15
CA GLY C 47 -17.97 4.53 -6.32
C GLY C 47 -17.54 3.06 -6.29
N ILE C 48 -18.46 2.16 -6.59
CA ILE C 48 -18.21 0.74 -6.55
C ILE C 48 -18.42 0.15 -7.91
N LEU C 49 -17.38 -0.54 -8.41
CA LEU C 49 -17.45 -1.20 -9.70
C LEU C 49 -17.23 -2.71 -9.56
N THR C 50 -18.01 -3.48 -10.32
CA THR C 50 -17.85 -4.91 -10.45
C THR C 50 -17.56 -5.13 -11.92
N ILE C 51 -16.41 -5.74 -12.21
CA ILE C 51 -15.90 -5.83 -13.57
C ILE C 51 -15.38 -7.23 -13.92
N THR C 52 -15.83 -7.76 -15.07
CA THR C 52 -15.28 -8.99 -15.61
C THR C 52 -14.72 -8.65 -17.03
N PRO C 53 -13.51 -9.14 -17.34
CA PRO C 53 -12.61 -9.95 -16.55
C PRO C 53 -11.98 -9.09 -15.47
N SER C 54 -11.40 -9.72 -14.47
CA SER C 54 -10.90 -9.01 -13.30
C SER C 54 -9.79 -7.98 -13.59
N GLU C 55 -8.91 -8.30 -14.54
CA GLU C 55 -7.85 -7.40 -14.99
C GLU C 55 -8.35 -6.05 -15.55
N ALA C 56 -9.58 -6.02 -16.10
CA ALA C 56 -10.18 -4.76 -16.57
C ALA C 56 -10.38 -3.73 -15.45
N SER C 57 -10.34 -4.18 -14.19
CA SER C 57 -10.30 -3.25 -13.07
C SER C 57 -9.17 -2.23 -13.26
N ILE C 58 -8.05 -2.65 -13.85
CA ILE C 58 -6.90 -1.78 -14.11
C ILE C 58 -7.27 -0.64 -15.10
N ILE C 59 -8.00 -1.03 -16.15
CA ILE C 59 -8.44 -0.12 -17.18
C ILE C 59 -9.45 0.86 -16.60
N ALA C 60 -10.43 0.33 -15.86
CA ALA C 60 -11.42 1.16 -15.17
C ALA C 60 -10.78 2.19 -14.26
N CYS C 61 -9.74 1.82 -13.51
CA CYS C 61 -9.03 2.77 -12.65
C CYS C 61 -8.39 3.88 -13.44
N ASP C 62 -7.74 3.52 -14.55
CA ASP C 62 -7.09 4.49 -15.42
C ASP C 62 -8.12 5.48 -15.96
N ILE C 63 -9.21 4.99 -16.54
CA ILE C 63 -10.30 5.85 -17.03
C ILE C 63 -10.88 6.77 -15.93
N ALA C 64 -11.13 6.21 -14.75
CA ALA C 64 -11.73 6.97 -13.66
C ALA C 64 -10.80 8.09 -13.18
N THR C 65 -9.51 7.77 -12.98
CA THR C 65 -8.59 8.77 -12.47
C THR C 65 -8.27 9.85 -13.51
N LYS C 66 -8.38 9.51 -14.79
CA LYS C 66 -8.15 10.46 -15.87
C LYS C 66 -9.39 11.34 -16.14
N SER C 67 -10.56 10.92 -15.65
CA SER C 67 -11.81 11.68 -15.84
C SER C 67 -11.94 12.91 -14.93
N GLY C 68 -11.16 12.97 -13.86
CA GLY C 68 -11.22 14.08 -12.92
C GLY C 68 -10.55 13.82 -11.58
N ALA C 69 -10.99 14.55 -10.55
CA ALA C 69 -10.41 14.50 -9.20
C ALA C 69 -10.93 13.31 -8.36
N VAL C 70 -10.65 12.12 -8.86
CA VAL C 70 -11.08 10.87 -8.24
C VAL C 70 -9.84 10.06 -7.91
N GLU C 71 -9.85 9.39 -6.76
CA GLU C 71 -8.73 8.56 -6.33
C GLU C 71 -9.14 7.10 -6.29
N ILE C 72 -8.15 6.21 -6.38
CA ILE C 72 -8.37 4.77 -6.26
C ILE C 72 -8.37 4.43 -4.78
N GLY C 73 -9.53 4.05 -4.24
CA GLY C 73 -9.63 3.57 -2.87
C GLY C 73 -8.90 2.24 -2.84
N PHE C 74 -9.37 1.32 -3.67
CA PHE C 74 -8.63 0.09 -3.94
C PHE C 74 -8.99 -0.51 -5.28
N LEU C 75 -8.04 -1.29 -5.78
CA LEU C 75 -8.20 -2.03 -7.03
C LEU C 75 -7.95 -3.48 -6.65
N ASP C 76 -8.79 -4.39 -7.11
CA ASP C 76 -8.58 -5.82 -6.90
C ASP C 76 -8.57 -6.53 -8.25
N ARG C 77 -7.36 -6.79 -8.77
CA ARG C 77 -7.22 -7.43 -10.08
C ARG C 77 -7.54 -8.92 -10.05
N PHE C 78 -7.86 -9.44 -8.86
CA PHE C 78 -8.22 -10.84 -8.69
C PHE C 78 -9.71 -11.09 -8.83
N THR C 79 -10.52 -10.13 -8.36
CA THR C 79 -11.99 -10.20 -8.40
C THR C 79 -12.59 -9.21 -9.39
N GLY C 80 -11.84 -8.16 -9.73
CA GLY C 80 -12.34 -7.14 -10.66
C GLY C 80 -13.03 -6.01 -9.92
N ALA C 81 -12.84 -5.93 -8.60
CA ALA C 81 -13.47 -4.86 -7.82
C ALA C 81 -12.64 -3.58 -7.83
N VAL C 82 -13.35 -2.45 -7.90
CA VAL C 82 -12.75 -1.13 -7.80
C VAL C 82 -13.65 -0.25 -6.91
N VAL C 83 -13.02 0.39 -5.91
CA VAL C 83 -13.67 1.43 -5.11
C VAL C 83 -12.95 2.76 -5.38
N LEU C 84 -13.71 3.73 -5.87
CA LEU C 84 -13.22 5.07 -6.17
C LEU C 84 -13.62 6.01 -5.05
N THR C 85 -12.80 7.04 -4.81
CA THR C 85 -13.09 8.05 -3.79
C THR C 85 -12.93 9.47 -4.35
N GLY C 86 -13.67 10.41 -3.78
CA GLY C 86 -13.63 11.79 -4.24
C GLY C 86 -14.94 12.49 -3.95
N ASP C 87 -15.05 13.73 -4.43
CA ASP C 87 -16.29 14.50 -4.36
C ASP C 87 -17.38 13.69 -5.07
N VAL C 88 -18.59 13.79 -4.56
CA VAL C 88 -19.73 13.04 -5.08
C VAL C 88 -19.95 13.23 -6.61
N SER C 89 -19.81 14.45 -7.11
CA SER C 89 -20.01 14.73 -8.54
C SER C 89 -18.87 14.15 -9.38
N ALA C 90 -17.67 14.24 -8.82
CA ALA C 90 -16.47 13.68 -9.44
C ALA C 90 -16.59 12.15 -9.61
N VAL C 91 -17.00 11.47 -8.54
CA VAL C 91 -17.13 10.02 -8.53
C VAL C 91 -18.24 9.60 -9.51
N GLU C 92 -19.36 10.32 -9.50
CA GLU C 92 -20.45 10.00 -10.42
C GLU C 92 -20.01 10.11 -11.87
N TYR C 93 -19.27 11.15 -12.19
CA TYR C 93 -18.77 11.35 -13.55
C TYR C 93 -17.79 10.25 -13.94
N ALA C 94 -16.91 9.87 -13.01
CA ALA C 94 -15.94 8.78 -13.22
C ALA C 94 -16.61 7.45 -13.55
N LEU C 95 -17.68 7.11 -12.82
CA LEU C 95 -18.38 5.84 -13.06
C LEU C 95 -19.02 5.87 -14.45
N LYS C 96 -19.57 7.01 -14.84
CA LYS C 96 -20.20 7.18 -16.15
C LYS C 96 -19.19 7.03 -17.30
N GLN C 97 -17.97 7.52 -17.07
CA GLN C 97 -16.91 7.43 -18.07
C GLN C 97 -16.39 6.00 -18.20
N VAL C 98 -16.32 5.30 -17.08
CA VAL C 98 -15.89 3.90 -17.06
C VAL C 98 -16.85 3.08 -17.91
N THR C 99 -18.15 3.20 -17.62
CA THR C 99 -19.17 2.46 -18.37
C THR C 99 -19.25 2.90 -19.84
N ARG C 100 -19.19 4.20 -20.08
CA ARG C 100 -19.19 4.76 -21.44
C ARG C 100 -18.02 4.23 -22.27
N THR C 101 -16.81 4.30 -21.72
CA THR C 101 -15.62 3.90 -22.44
C THR C 101 -15.52 2.39 -22.65
N LEU C 102 -15.75 1.61 -21.59
CA LEU C 102 -15.67 0.15 -21.70
C LEU C 102 -16.77 -0.37 -22.62
N GLY C 103 -17.95 0.22 -22.50
CA GLY C 103 -19.11 -0.21 -23.29
C GLY C 103 -18.97 0.07 -24.75
N GLU C 104 -18.67 1.33 -25.08
CA GLU C 104 -18.60 1.79 -26.46
C GLU C 104 -17.30 1.43 -27.18
N MET C 105 -16.17 1.64 -26.51
CA MET C 105 -14.87 1.43 -27.17
C MET C 105 -14.32 0.00 -27.04
N MET C 106 -14.71 -0.73 -26.00
CA MET C 106 -14.19 -2.08 -25.80
C MET C 106 -15.26 -3.18 -25.78
N GLN C 107 -16.48 -2.82 -26.14
CA GLN C 107 -17.57 -3.77 -26.31
C GLN C 107 -17.96 -4.56 -25.05
N PHE C 108 -17.79 -3.96 -23.88
CA PHE C 108 -18.27 -4.54 -22.62
C PHE C 108 -19.77 -4.35 -22.50
N THR C 109 -20.45 -5.33 -21.94
CA THR C 109 -21.85 -5.13 -21.52
C THR C 109 -21.76 -4.28 -20.25
N THR C 110 -22.59 -3.26 -20.13
CA THR C 110 -22.54 -2.35 -18.99
C THR C 110 -23.90 -2.06 -18.39
N CYS C 111 -23.91 -1.85 -17.09
CA CYS C 111 -25.10 -1.52 -16.34
C CYS C 111 -25.29 -0.01 -16.32
N SER C 112 -26.46 0.43 -15.83
CA SER C 112 -26.71 1.84 -15.58
C SER C 112 -26.02 2.19 -14.26
N ILE C 113 -25.71 3.46 -14.09
CA ILE C 113 -25.14 3.94 -12.84
C ILE C 113 -26.29 4.00 -11.82
N THR C 114 -26.06 3.46 -10.64
CA THR C 114 -27.04 3.50 -9.57
C THR C 114 -26.43 4.32 -8.44
N ARG C 115 -27.28 4.85 -7.55
CA ARG C 115 -26.82 5.79 -6.54
C ARG C 115 -27.53 5.66 -5.21
N THR C 116 -26.84 6.11 -4.16
CA THR C 116 -27.39 6.26 -2.82
C THR C 116 -26.89 7.62 -2.34
N LEU C 117 -27.74 8.65 -2.41
CA LEU C 117 -27.33 9.99 -2.00
C LEU C 117 -27.67 10.33 -0.54
N GLU C 118 -28.34 9.40 0.15
CA GLU C 118 -28.84 9.59 1.51
C GLU C 118 -27.72 9.89 2.50
N HIS C 119 -28.05 10.69 3.51
CA HIS C 119 -27.15 10.94 4.62
C HIS C 119 -27.11 9.68 5.49
N HIS C 120 -25.97 9.41 6.13
CA HIS C 120 -25.86 8.28 7.04
C HIS C 120 -26.19 8.78 8.43
N HIS C 121 -27.36 8.40 8.92
CA HIS C 121 -27.88 8.93 10.16
C HIS C 121 -27.23 8.34 11.41
N HIS C 122 -27.03 9.23 12.39
CA HIS C 122 -26.31 8.94 13.61
C HIS C 122 -26.93 9.71 14.80
N THR D 6 -35.82 -23.68 -9.43
CA THR D 6 -35.63 -23.96 -10.88
C THR D 6 -35.81 -25.45 -11.16
N THR D 7 -36.27 -25.77 -12.37
CA THR D 7 -36.50 -27.16 -12.76
C THR D 7 -35.34 -27.73 -13.58
N ASP D 8 -35.00 -27.12 -14.71
CA ASP D 8 -34.00 -27.72 -15.60
C ASP D 8 -32.62 -27.77 -14.96
N ARG D 9 -32.03 -28.95 -15.10
CA ARG D 9 -30.80 -29.31 -14.47
C ARG D 9 -29.91 -30.01 -15.49
N MET D 10 -28.63 -29.74 -15.42
CA MET D 10 -27.65 -30.33 -16.30
C MET D 10 -26.30 -30.44 -15.57
N ILE D 11 -25.50 -31.37 -16.04
CA ILE D 11 -24.14 -31.58 -15.54
C ILE D 11 -23.18 -30.81 -16.45
N GLN D 12 -22.32 -29.98 -15.86
CA GLN D 12 -21.33 -29.21 -16.62
CA GLN D 12 -21.34 -29.27 -16.65
C GLN D 12 -19.95 -29.75 -16.28
N GLU D 13 -19.26 -30.36 -17.25
CA GLU D 13 -17.86 -30.76 -17.06
C GLU D 13 -17.06 -29.53 -17.44
N TYR D 14 -16.34 -28.96 -16.49
CA TYR D 14 -15.59 -27.75 -16.75
C TYR D 14 -14.15 -28.02 -17.23
N VAL D 15 -13.76 -27.26 -18.25
CA VAL D 15 -12.40 -27.22 -18.77
C VAL D 15 -12.17 -25.78 -19.18
N PRO D 16 -10.91 -25.29 -19.07
CA PRO D 16 -10.64 -23.92 -19.52
C PRO D 16 -10.69 -23.81 -21.03
N GLY D 17 -11.20 -22.68 -21.52
CA GLY D 17 -11.12 -22.35 -22.94
C GLY D 17 -9.74 -21.81 -23.23
N LYS D 18 -9.50 -21.53 -24.50
CA LYS D 18 -8.27 -20.90 -24.96
C LYS D 18 -8.65 -19.54 -25.53
N GLN D 19 -8.35 -18.50 -24.77
CA GLN D 19 -8.76 -17.14 -25.12
C GLN D 19 -7.95 -16.04 -24.46
N VAL D 20 -7.61 -15.04 -25.28
CA VAL D 20 -7.01 -13.79 -24.81
C VAL D 20 -8.18 -12.81 -24.86
N THR D 21 -8.66 -12.44 -23.68
CA THR D 21 -9.87 -11.61 -23.57
C THR D 21 -9.55 -10.13 -23.57
N LEU D 22 -8.39 -9.77 -23.00
CA LEU D 22 -7.92 -8.38 -22.93
CA LEU D 22 -7.92 -8.38 -22.98
C LEU D 22 -6.48 -8.30 -23.45
N ALA D 23 -6.19 -7.27 -24.25
CA ALA D 23 -4.85 -6.94 -24.73
C ALA D 23 -4.84 -5.41 -24.83
N HIS D 24 -4.46 -4.75 -23.73
CA HIS D 24 -4.67 -3.31 -23.60
C HIS D 24 -3.44 -2.51 -23.27
N LEU D 25 -3.22 -1.43 -24.02
CA LEU D 25 -2.09 -0.54 -23.80
C LEU D 25 -2.49 0.76 -23.08
N ILE D 26 -1.74 1.09 -22.04
CA ILE D 26 -1.89 2.36 -21.32
C ILE D 26 -0.52 3.04 -21.41
N ALA D 27 -0.46 4.07 -22.25
CA ALA D 27 0.80 4.75 -22.54
C ALA D 27 1.34 5.49 -21.33
N ASN D 28 0.44 6.07 -20.52
CA ASN D 28 0.88 6.87 -19.36
C ASN D 28 -0.07 6.65 -18.19
N PRO D 29 0.09 5.52 -17.49
CA PRO D 29 -0.79 5.33 -16.35
C PRO D 29 -0.35 6.22 -15.19
N GLY D 30 -1.29 6.53 -14.29
CA GLY D 30 -0.97 7.32 -13.10
C GLY D 30 -0.03 6.56 -12.23
N LYS D 31 0.77 7.30 -11.45
CA LYS D 31 1.73 6.72 -10.54
C LYS D 31 1.09 5.81 -9.48
N ASP D 32 -0.05 6.24 -8.94
CA ASP D 32 -0.74 5.48 -7.90
C ASP D 32 -1.18 4.11 -8.42
N LEU D 33 -1.73 4.05 -9.63
CA LEU D 33 -2.13 2.77 -10.22
C LEU D 33 -0.93 1.88 -10.48
N PHE D 34 0.11 2.47 -11.05
CA PHE D 34 1.35 1.79 -11.36
C PHE D 34 1.94 1.20 -10.06
N LYS D 35 1.91 1.97 -8.99
CA LYS D 35 2.40 1.48 -7.70
C LYS D 35 1.46 0.43 -7.11
N LYS D 36 0.15 0.70 -7.16
CA LYS D 36 -0.84 -0.28 -6.70
C LYS D 36 -0.75 -1.64 -7.41
N LEU D 37 -0.19 -1.68 -8.62
CA LEU D 37 0.04 -2.94 -9.35
C LEU D 37 1.31 -3.66 -8.86
N GLY D 38 2.05 -3.03 -7.96
CA GLY D 38 3.27 -3.61 -7.44
C GLY D 38 4.43 -3.46 -8.40
N LEU D 39 4.30 -2.56 -9.38
CA LEU D 39 5.35 -2.35 -10.38
C LEU D 39 6.47 -1.50 -9.85
N GLN D 40 7.69 -1.79 -10.29
CA GLN D 40 8.88 -1.04 -9.88
C GLN D 40 9.49 -0.19 -11.04
N ASP D 41 10.52 0.58 -10.73
CA ASP D 41 11.08 1.59 -11.68
C ASP D 41 10.11 2.76 -11.91
N ALA D 42 10.53 3.74 -12.70
CA ALA D 42 9.70 4.89 -13.03
C ALA D 42 8.49 4.43 -13.84
N VAL D 43 7.40 5.18 -13.73
CA VAL D 43 6.19 4.88 -14.52
C VAL D 43 6.59 4.74 -15.98
N SER D 44 5.98 3.75 -16.64
CA SER D 44 6.13 3.54 -18.07
C SER D 44 4.82 3.11 -18.65
N ALA D 45 4.77 3.00 -19.97
CA ALA D 45 3.62 2.42 -20.65
C ALA D 45 3.51 0.99 -20.14
N ILE D 46 2.27 0.49 -20.10
CA ILE D 46 2.00 -0.90 -19.68
C ILE D 46 1.03 -1.59 -20.65
N GLY D 47 1.16 -2.90 -20.75
CA GLY D 47 0.31 -3.74 -21.59
C GLY D 47 -0.36 -4.71 -20.62
N ILE D 48 -1.66 -4.89 -20.77
CA ILE D 48 -2.43 -5.71 -19.87
C ILE D 48 -3.05 -6.84 -20.67
N LEU D 49 -2.81 -8.07 -20.21
CA LEU D 49 -3.30 -9.27 -20.83
C LEU D 49 -4.17 -10.09 -19.85
N THR D 50 -5.30 -10.56 -20.37
CA THR D 50 -6.20 -11.49 -19.72
C THR D 50 -6.19 -12.73 -20.62
N ILE D 51 -5.74 -13.83 -20.04
CA ILE D 51 -5.50 -15.07 -20.75
C ILE D 51 -6.07 -16.30 -20.02
N THR D 52 -6.76 -17.13 -20.80
CA THR D 52 -7.28 -18.41 -20.35
C THR D 52 -6.78 -19.48 -21.37
N PRO D 53 -6.22 -20.61 -20.89
CA PRO D 53 -5.99 -21.00 -19.51
C PRO D 53 -4.91 -20.15 -18.87
N SER D 54 -4.85 -20.15 -17.55
CA SER D 54 -3.98 -19.23 -16.83
C SER D 54 -2.50 -19.50 -17.05
N GLU D 55 -2.13 -20.75 -17.28
CA GLU D 55 -0.75 -21.12 -17.59
C GLU D 55 -0.24 -20.54 -18.92
N ALA D 56 -1.16 -20.23 -19.86
CA ALA D 56 -0.77 -19.59 -21.14
C ALA D 56 -0.11 -18.20 -20.96
N SER D 57 -0.29 -17.60 -19.78
CA SER D 57 0.39 -16.37 -19.39
C SER D 57 1.91 -16.52 -19.51
N ILE D 58 2.40 -17.73 -19.27
CA ILE D 58 3.84 -18.07 -19.40
C ILE D 58 4.31 -17.98 -20.88
N ILE D 59 3.46 -18.48 -21.77
CA ILE D 59 3.74 -18.44 -23.19
C ILE D 59 3.69 -17.01 -23.69
N ALA D 60 2.67 -16.27 -23.25
CA ALA D 60 2.51 -14.86 -23.59
C ALA D 60 3.74 -14.07 -23.11
N CYS D 61 4.23 -14.33 -21.91
CA CYS D 61 5.42 -13.60 -21.46
C CYS D 61 6.61 -13.85 -22.39
N ASP D 62 6.83 -15.12 -22.73
CA ASP D 62 7.93 -15.52 -23.60
C ASP D 62 7.85 -14.84 -24.97
N ILE D 63 6.68 -14.88 -25.59
CA ILE D 63 6.44 -14.23 -26.87
C ILE D 63 6.67 -12.73 -26.78
N ALA D 64 6.14 -12.11 -25.74
CA ALA D 64 6.27 -10.67 -25.52
C ALA D 64 7.74 -10.25 -25.35
N THR D 65 8.47 -10.95 -24.48
CA THR D 65 9.85 -10.57 -24.21
C THR D 65 10.79 -10.84 -25.40
N LYS D 66 10.41 -11.80 -26.24
CA LYS D 66 11.19 -12.12 -27.44
C LYS D 66 10.88 -11.16 -28.60
N SER D 67 9.74 -10.46 -28.53
CA SER D 67 9.30 -9.52 -29.59
C SER D 67 10.09 -8.22 -29.62
N GLY D 68 10.77 -7.90 -28.52
CA GLY D 68 11.54 -6.66 -28.41
C GLY D 68 11.85 -6.26 -26.98
N ALA D 69 12.09 -4.96 -26.79
CA ALA D 69 12.48 -4.39 -25.49
C ALA D 69 11.29 -4.17 -24.55
N VAL D 70 10.69 -5.28 -24.12
CA VAL D 70 9.57 -5.26 -23.20
C VAL D 70 9.95 -6.15 -22.02
N GLU D 71 9.58 -5.73 -20.82
CA GLU D 71 9.85 -6.53 -19.64
CA GLU D 71 9.84 -6.51 -19.62
C GLU D 71 8.54 -7.04 -19.01
N ILE D 72 8.68 -8.07 -18.18
CA ILE D 72 7.56 -8.66 -17.45
C ILE D 72 7.39 -7.81 -16.19
N GLY D 73 6.29 -7.06 -16.13
CA GLY D 73 5.93 -6.32 -14.92
C GLY D 73 5.58 -7.35 -13.86
N PHE D 74 4.62 -8.19 -14.21
CA PHE D 74 4.36 -9.41 -13.45
C PHE D 74 3.58 -10.41 -14.31
N LEU D 75 3.70 -11.67 -13.89
CA LEU D 75 2.98 -12.78 -14.49
C LEU D 75 2.24 -13.44 -13.35
N ASP D 76 1.01 -13.85 -13.59
CA ASP D 76 0.19 -14.56 -12.61
C ASP D 76 -0.38 -15.79 -13.29
N ARG D 77 0.32 -16.92 -13.14
CA ARG D 77 -0.09 -18.21 -13.72
C ARG D 77 -1.34 -18.76 -13.04
N PHE D 78 -1.70 -18.19 -11.90
CA PHE D 78 -2.91 -18.59 -11.19
C PHE D 78 -4.13 -17.95 -11.82
N THR D 79 -4.03 -16.69 -12.24
CA THR D 79 -5.15 -16.01 -12.89
C THR D 79 -5.00 -15.87 -14.41
N GLY D 80 -3.78 -15.87 -14.93
CA GLY D 80 -3.58 -15.67 -16.37
C GLY D 80 -3.22 -14.24 -16.72
N ALA D 81 -3.19 -13.37 -15.71
CA ALA D 81 -2.87 -11.96 -15.96
C ALA D 81 -1.38 -11.76 -16.25
N VAL D 82 -1.10 -10.89 -17.22
CA VAL D 82 0.27 -10.45 -17.52
C VAL D 82 0.26 -8.94 -17.66
N VAL D 83 1.20 -8.28 -16.99
CA VAL D 83 1.43 -6.85 -17.19
C VAL D 83 2.86 -6.67 -17.73
N LEU D 84 2.94 -6.12 -18.93
CA LEU D 84 4.18 -5.87 -19.64
C LEU D 84 4.56 -4.40 -19.49
N THR D 85 5.87 -4.12 -19.41
CA THR D 85 6.33 -2.74 -19.34
C THR D 85 7.41 -2.43 -20.40
N GLY D 86 7.48 -1.16 -20.79
CA GLY D 86 8.49 -0.72 -21.75
C GLY D 86 8.03 0.50 -22.51
N ASP D 87 8.75 0.81 -23.59
CA ASP D 87 8.39 1.92 -24.46
C ASP D 87 7.02 1.62 -25.05
N VAL D 88 6.21 2.66 -25.23
CA VAL D 88 4.84 2.50 -25.75
C VAL D 88 4.76 1.70 -27.05
N SER D 89 5.67 1.94 -27.99
CA SER D 89 5.61 1.25 -29.28
C SER D 89 6.01 -0.21 -29.14
N ALA D 90 6.99 -0.48 -28.27
CA ALA D 90 7.44 -1.83 -27.98
C ALA D 90 6.34 -2.67 -27.32
N VAL D 91 5.67 -2.08 -26.33
CA VAL D 91 4.60 -2.78 -25.60
C VAL D 91 3.46 -3.07 -26.57
N GLU D 92 3.14 -2.11 -27.43
CA GLU D 92 2.07 -2.32 -28.40
C GLU D 92 2.42 -3.47 -29.33
N TYR D 93 3.66 -3.50 -29.81
CA TYR D 93 4.12 -4.55 -30.70
C TYR D 93 4.06 -5.92 -30.01
N ALA D 94 4.55 -5.97 -28.78
CA ALA D 94 4.47 -7.16 -27.93
C ALA D 94 3.04 -7.72 -27.78
N LEU D 95 2.07 -6.84 -27.54
CA LEU D 95 0.67 -7.27 -27.38
C LEU D 95 0.15 -7.84 -28.68
N LYS D 96 0.54 -7.24 -29.79
CA LYS D 96 0.13 -7.70 -31.11
C LYS D 96 0.71 -9.07 -31.42
N GLN D 97 1.96 -9.29 -31.05
CA GLN D 97 2.62 -10.56 -31.30
C GLN D 97 2.01 -11.68 -30.45
N VAL D 98 1.64 -11.34 -29.22
CA VAL D 98 0.99 -12.29 -28.31
C VAL D 98 -0.30 -12.82 -28.92
N THR D 99 -1.17 -11.90 -29.29
CA THR D 99 -2.45 -12.27 -29.89
C THR D 99 -2.28 -12.97 -31.24
N ARG D 100 -1.34 -12.48 -32.07
CA ARG D 100 -1.06 -13.09 -33.37
CA ARG D 100 -1.01 -13.07 -33.37
C ARG D 100 -0.55 -14.52 -33.21
N THR D 101 0.39 -14.74 -32.30
CA THR D 101 0.96 -16.05 -32.08
C THR D 101 -0.02 -17.02 -31.41
N LEU D 102 -0.62 -16.61 -30.30
CA LEU D 102 -1.56 -17.48 -29.62
C LEU D 102 -2.72 -17.83 -30.53
N GLY D 103 -3.22 -16.85 -31.29
CA GLY D 103 -4.37 -17.07 -32.18
C GLY D 103 -4.09 -17.94 -33.38
N GLU D 104 -3.04 -17.62 -34.14
CA GLU D 104 -2.74 -18.34 -35.38
C GLU D 104 -2.10 -19.71 -35.16
N MET D 105 -1.21 -19.80 -34.18
CA MET D 105 -0.43 -21.01 -33.99
C MET D 105 -0.95 -21.95 -32.88
N MET D 106 -1.77 -21.44 -31.98
CA MET D 106 -2.34 -22.27 -30.91
C MET D 106 -3.87 -22.22 -30.83
N GLN D 107 -4.48 -21.65 -31.87
CA GLN D 107 -5.93 -21.63 -32.03
CA GLN D 107 -5.92 -21.62 -32.04
C GLN D 107 -6.70 -20.97 -30.88
N PHE D 108 -6.08 -20.01 -30.20
CA PHE D 108 -6.77 -19.22 -29.18
C PHE D 108 -7.72 -18.24 -29.87
N THR D 109 -8.86 -18.01 -29.24
CA THR D 109 -9.72 -16.88 -29.57
C THR D 109 -9.00 -15.63 -29.08
N THR D 110 -8.93 -14.58 -29.90
CA THR D 110 -8.23 -13.36 -29.48
C THR D 110 -9.07 -12.09 -29.66
N CYS D 111 -8.81 -11.14 -28.78
CA CYS D 111 -9.43 -9.83 -28.85
C CYS D 111 -8.53 -8.91 -29.69
N SER D 112 -9.09 -7.76 -30.08
CA SER D 112 -8.33 -6.72 -30.73
C SER D 112 -7.52 -5.99 -29.66
N ILE D 113 -6.45 -5.32 -30.08
CA ILE D 113 -5.65 -4.54 -29.15
C ILE D 113 -6.41 -3.23 -28.92
N THR D 114 -6.56 -2.84 -27.66
CA THR D 114 -7.18 -1.57 -27.29
C THR D 114 -6.12 -0.71 -26.61
N ARG D 115 -6.32 0.60 -26.61
CA ARG D 115 -5.31 1.54 -26.15
C ARG D 115 -5.89 2.78 -25.50
N THR D 116 -5.13 3.32 -24.55
CA THR D 116 -5.35 4.64 -23.96
C THR D 116 -3.99 5.32 -24.04
N LEU D 117 -3.85 6.26 -24.97
CA LEU D 117 -2.58 6.95 -25.16
C LEU D 117 -2.51 8.33 -24.49
N GLU D 118 -3.57 8.72 -23.80
CA GLU D 118 -3.69 10.06 -23.23
C GLU D 118 -2.78 10.22 -22.02
N HIS D 119 -2.37 11.47 -21.79
CA HIS D 119 -1.54 11.84 -20.66
C HIS D 119 -2.34 11.79 -19.36
N HIS D 120 -1.72 11.28 -18.30
CA HIS D 120 -2.36 11.31 -16.99
C HIS D 120 -2.13 12.70 -16.41
N HIS D 121 -3.17 13.52 -16.51
CA HIS D 121 -3.07 14.92 -16.09
C HIS D 121 -2.86 15.06 -14.58
N HIS D 122 -1.67 15.54 -14.25
CA HIS D 122 -1.18 15.65 -12.89
C HIS D 122 -1.80 16.84 -12.15
#